data_5WM5
#
_entry.id   5WM5
#
_cell.length_a   121.711
_cell.length_b   121.711
_cell.length_c   87.825
_cell.angle_alpha   90.000
_cell.angle_beta   90.000
_cell.angle_gamma   120.000
#
_symmetry.space_group_name_H-M   'P 32 2 1'
#
loop_
_entity.id
_entity.type
_entity.pdbx_description
1 polymer 'Salicylate-AMP ligase'
2 non-polymer 9-(5-O-{(S)-hydroxy[(2-hydroxy-5-methylbenzene-1-carbonyl)oxy]phosphoryl}-alpha-L-lyxofuranosyl)-9H-purin-6-amine
3 non-polymer 'ACETATE ION'
4 non-polymer GLYCEROL
5 water water
#
_entity_poly.entity_id   1
_entity_poly.type   'polypeptide(L)'
_entity_poly.pdbx_seq_one_letter_code
;MGSSHHHHHHSSGLVPRGSHMLDGWVPWPESFARRYRAAGYWEGRPLDRLLRERAAADPDRIALVDAAGDRWTYAELDRH
ADRQAAGLRRLGIGAGDRVVVQLPNTDAFVVLFFALLRAGAVPVLTLPAHRESEIVHVAETAGATAYVIPDVLDGFDHRA
LARAARKAVPSIEHVLVAGEAAEFTALADVDAAPVPLAEPDPGDVALLLLSGGTTGKPKLIPRTHDDYTYNVRASAEVCG
FDSDTVYLVVLPTAHNFALACPGLLGTLMVGGTVVLAPTPSPEDAFELIEREKVTATAVVPPVALLWLDAVEWEDADLSS
LRLLQVGGSKLGAEPAARVRPALGCTLQQVFGMAEGLLNYTRLDDPSDLVIQTQGRPLSPDDEIRVVDEDGRDVAPGETG
ELLTRGPYTLRGYYRAPEHNARTFSDDGFYRTGDLVRVLPSGHLVVEGRAKDQINRGGDKISAEELENHIMAHPGVHDAA
VVGMPDATMGERTCACLVPRAGRSAPAQRELAAFLTDRGVAAYKLPDRVEVMDAFPRTSVGKTDKKELGRRIAGQLRTED
GGVH
;
_entity_poly.pdbx_strand_id   A
#
# COMPACT_ATOMS: atom_id res chain seq x y z
N SER A 19 -19.93 -8.44 19.31
CA SER A 19 -20.43 -7.71 18.16
C SER A 19 -19.36 -6.83 17.52
N HIS A 20 -19.31 -6.84 16.19
CA HIS A 20 -18.40 -6.01 15.43
C HIS A 20 -19.18 -5.04 14.55
N MET A 21 -18.58 -3.87 14.29
CA MET A 21 -19.27 -2.81 13.56
C MET A 21 -19.52 -3.19 12.10
N LEU A 22 -18.58 -3.90 11.48
CA LEU A 22 -18.71 -4.30 10.08
C LEU A 22 -18.87 -5.81 9.97
N ASP A 23 -19.69 -6.23 9.01
CA ASP A 23 -19.69 -7.61 8.57
C ASP A 23 -18.73 -7.79 7.41
N GLY A 24 -18.52 -9.03 7.01
CA GLY A 24 -17.71 -9.34 5.85
C GLY A 24 -16.24 -9.58 6.09
N TRP A 25 -15.76 -9.46 7.32
CA TRP A 25 -14.36 -9.77 7.61
C TRP A 25 -14.27 -10.91 8.63
N VAL A 26 -13.07 -11.43 8.79
CA VAL A 26 -12.78 -12.65 9.52
C VAL A 26 -11.94 -12.31 10.73
N PRO A 27 -12.53 -12.27 11.93
CA PRO A 27 -11.75 -11.96 13.13
C PRO A 27 -10.76 -13.07 13.48
N TRP A 28 -9.77 -12.72 14.29
CA TRP A 28 -8.88 -13.72 14.85
C TRP A 28 -9.66 -14.65 15.79
N PRO A 29 -9.31 -15.94 15.83
CA PRO A 29 -9.86 -16.81 16.90
C PRO A 29 -9.55 -16.23 18.26
N GLU A 30 -10.43 -16.50 19.22
CA GLU A 30 -10.31 -15.88 20.53
C GLU A 30 -8.99 -16.24 21.21
N SER A 31 -8.51 -17.47 21.00
CA SER A 31 -7.27 -17.91 21.64
C SER A 31 -6.09 -17.05 21.23
N PHE A 32 -6.03 -16.67 19.95
CA PHE A 32 -4.97 -15.80 19.45
C PHE A 32 -5.14 -14.37 19.96
N ALA A 33 -6.36 -13.83 19.86
CA ALA A 33 -6.64 -12.48 20.37
C ALA A 33 -6.25 -12.36 21.84
N ARG A 34 -6.55 -13.39 22.64
CA ARG A 34 -6.15 -13.43 24.04
C ARG A 34 -4.64 -13.33 24.19
N ARG A 35 -3.89 -14.13 23.42
CA ARG A 35 -2.44 -14.12 23.50
C ARG A 35 -1.86 -12.77 23.09
N TYR A 36 -2.37 -12.20 21.99
CA TYR A 36 -1.84 -10.93 21.49
C TYR A 36 -2.12 -9.79 22.45
N ARG A 37 -3.25 -9.83 23.16
CA ARG A 37 -3.51 -8.84 24.18
C ARG A 37 -2.61 -9.06 25.39
N ALA A 38 -2.42 -10.31 25.81
CA ALA A 38 -1.57 -10.59 26.95
C ALA A 38 -0.11 -10.23 26.69
N ALA A 39 0.36 -10.42 25.45
CA ALA A 39 1.72 -10.07 25.09
C ALA A 39 1.94 -8.57 24.97
N GLY A 40 0.89 -7.76 25.08
CA GLY A 40 1.00 -6.32 24.92
C GLY A 40 1.02 -5.81 23.49
N TYR A 41 0.81 -6.68 22.49
CA TYR A 41 0.73 -6.22 21.10
C TYR A 41 -0.54 -5.39 20.86
N TRP A 42 -1.68 -5.92 21.28
CA TRP A 42 -2.99 -5.30 21.10
C TRP A 42 -3.29 -4.51 22.37
N GLU A 43 -3.12 -3.18 22.29
CA GLU A 43 -3.19 -2.34 23.48
C GLU A 43 -4.59 -1.85 23.80
N GLY A 44 -5.55 -2.03 22.89
CA GLY A 44 -6.91 -1.58 23.13
C GLY A 44 -7.13 -0.10 22.96
N ARG A 45 -6.44 0.54 22.02
CA ARG A 45 -6.63 1.96 21.77
C ARG A 45 -7.04 2.18 20.32
N PRO A 46 -8.06 2.98 20.05
CA PRO A 46 -8.38 3.33 18.67
C PRO A 46 -7.19 3.99 17.98
N LEU A 47 -7.13 3.81 16.66
CA LEU A 47 -5.99 4.25 15.89
C LEU A 47 -5.79 5.76 15.99
N ASP A 48 -6.89 6.53 16.04
CA ASP A 48 -6.78 7.99 16.10
C ASP A 48 -6.15 8.46 17.41
N ARG A 49 -6.09 7.61 18.44
CA ARG A 49 -5.51 8.03 19.70
C ARG A 49 -4.01 8.25 19.63
N LEU A 50 -3.31 7.69 18.63
CA LEU A 50 -1.89 8.01 18.49
C LEU A 50 -1.68 9.50 18.27
N LEU A 51 -2.61 10.18 17.58
CA LEU A 51 -2.54 11.63 17.42
C LEU A 51 -3.01 12.37 18.66
N ARG A 52 -4.12 11.92 19.25
CA ARG A 52 -4.65 12.52 20.47
C ARG A 52 -3.61 12.57 21.58
N GLU A 53 -2.91 11.45 21.84
CA GLU A 53 -1.98 11.41 22.97
C GLU A 53 -0.71 12.19 22.69
N ARG A 54 -0.22 12.17 21.44
CA ARG A 54 0.99 12.95 21.15
C ARG A 54 0.71 14.45 21.22
N ALA A 55 -0.43 14.89 20.70
CA ALA A 55 -0.84 16.29 20.81
C ALA A 55 -1.13 16.70 22.24
N ALA A 56 -1.49 15.76 23.10
CA ALA A 56 -1.64 16.07 24.52
C ALA A 56 -0.28 16.19 25.20
N ALA A 57 0.69 15.38 24.79
CA ALA A 57 2.03 15.43 25.38
C ALA A 57 2.93 16.48 24.74
N ASP A 58 2.75 16.76 23.44
CA ASP A 58 3.66 17.63 22.69
C ASP A 58 2.87 18.54 21.76
N PRO A 59 1.96 19.36 22.31
CA PRO A 59 1.02 20.09 21.44
C PRO A 59 1.70 21.05 20.47
N ASP A 60 2.86 21.60 20.84
CA ASP A 60 3.49 22.64 20.04
C ASP A 60 4.63 22.15 19.18
N ARG A 61 4.93 20.85 19.17
CA ARG A 61 5.87 20.32 18.20
C ARG A 61 5.28 20.36 16.80
N ILE A 62 6.16 20.52 15.81
CA ILE A 62 5.77 20.55 14.40
C ILE A 62 5.45 19.12 13.98
N ALA A 63 4.20 18.86 13.64
CA ALA A 63 3.81 17.52 13.24
C ALA A 63 3.97 17.29 11.73
N LEU A 64 3.69 18.31 10.92
CA LEU A 64 3.46 18.10 9.51
C LEU A 64 3.97 19.31 8.74
N VAL A 65 4.70 19.05 7.65
CA VAL A 65 5.18 20.06 6.72
C VAL A 65 4.81 19.62 5.32
N ASP A 66 4.21 20.51 4.54
CA ASP A 66 3.92 20.18 3.15
C ASP A 66 4.97 20.76 2.21
N ALA A 67 4.81 20.45 0.92
CA ALA A 67 5.84 20.79 -0.05
C ALA A 67 6.04 22.30 -0.17
N ALA A 68 4.98 23.09 -0.02
CA ALA A 68 5.09 24.54 -0.09
C ALA A 68 5.89 25.14 1.06
N GLY A 69 5.98 24.43 2.19
CA GLY A 69 6.62 24.96 3.38
C GLY A 69 5.67 25.37 4.48
N ASP A 70 4.36 25.19 4.31
CA ASP A 70 3.42 25.37 5.40
C ASP A 70 3.55 24.22 6.40
N ARG A 71 3.36 24.53 7.68
CA ARG A 71 3.57 23.52 8.70
C ARG A 71 2.55 23.67 9.81
N TRP A 72 2.33 22.57 10.54
CA TRP A 72 1.28 22.43 11.53
C TRP A 72 1.84 21.76 12.76
N THR A 73 1.44 22.24 13.93
CA THR A 73 1.79 21.60 15.18
C THR A 73 0.85 20.42 15.46
N TYR A 74 1.22 19.63 16.45
CA TYR A 74 0.37 18.52 16.86
C TYR A 74 -0.99 19.01 17.34
N ALA A 75 -1.01 20.08 18.14
CA ALA A 75 -2.29 20.60 18.63
C ALA A 75 -3.13 21.14 17.48
N GLU A 76 -2.51 21.75 16.47
CA GLU A 76 -3.28 22.24 15.33
C GLU A 76 -3.87 21.07 14.53
N LEU A 77 -3.05 20.06 14.26
CA LEU A 77 -3.52 18.87 13.55
C LEU A 77 -4.65 18.19 14.31
N ASP A 78 -4.51 18.06 15.63
CA ASP A 78 -5.51 17.38 16.43
C ASP A 78 -6.84 18.12 16.41
N ARG A 79 -6.80 19.44 16.51
CA ARG A 79 -8.02 20.22 16.54
C ARG A 79 -8.72 20.23 15.18
N HIS A 80 -7.96 20.30 14.09
CA HIS A 80 -8.58 20.33 12.78
C HIS A 80 -9.24 18.99 12.46
N ALA A 81 -8.59 17.87 12.84
CA ALA A 81 -9.22 16.56 12.71
C ALA A 81 -10.54 16.52 13.48
N ASP A 82 -10.59 17.18 14.64
CA ASP A 82 -11.84 17.19 15.40
C ASP A 82 -12.91 18.03 14.71
N ARG A 83 -12.51 19.15 14.12
CA ARG A 83 -13.46 20.00 13.42
C ARG A 83 -13.96 19.35 12.15
N GLN A 84 -13.08 18.63 11.45
CA GLN A 84 -13.53 17.96 10.24
C GLN A 84 -14.37 16.72 10.55
N ALA A 85 -14.06 16.02 11.65
CA ALA A 85 -14.92 14.93 12.12
C ALA A 85 -16.32 15.43 12.42
N ALA A 86 -16.44 16.55 13.13
CA ALA A 86 -17.75 17.12 13.40
C ALA A 86 -18.44 17.56 12.11
N GLY A 87 -17.67 18.01 11.11
CA GLY A 87 -18.28 18.34 9.84
C GLY A 87 -18.76 17.13 9.07
N LEU A 88 -18.00 16.02 9.11
CA LEU A 88 -18.40 14.78 8.47
C LEU A 88 -19.70 14.25 9.07
N ARG A 89 -19.88 14.39 10.39
CA ARG A 89 -21.12 13.95 11.02
C ARG A 89 -22.30 14.77 10.55
N ARG A 90 -22.11 16.08 10.34
CA ARG A 90 -23.20 16.90 9.84
C ARG A 90 -23.67 16.45 8.45
N LEU A 91 -22.77 15.91 7.64
CA LEU A 91 -23.17 15.31 6.36
C LEU A 91 -23.66 13.87 6.51
N GLY A 92 -23.74 13.35 7.73
CA GLY A 92 -24.18 11.97 7.91
C GLY A 92 -23.15 10.91 7.60
N ILE A 93 -21.88 11.27 7.53
CA ILE A 93 -20.80 10.29 7.38
C ILE A 93 -20.26 9.97 8.75
N GLY A 94 -20.29 8.69 9.13
CA GLY A 94 -19.77 8.32 10.43
C GLY A 94 -20.10 6.88 10.76
N ALA A 95 -20.08 6.60 12.06
CA ALA A 95 -20.24 5.29 12.69
C ALA A 95 -20.47 4.14 11.71
N GLY A 96 -19.39 3.60 11.16
CA GLY A 96 -19.43 2.41 10.34
C GLY A 96 -19.32 2.64 8.84
N ASP A 97 -19.66 3.84 8.36
CA ASP A 97 -19.67 4.12 6.93
C ASP A 97 -18.29 3.95 6.30
N ARG A 98 -18.24 3.33 5.15
CA ARG A 98 -17.01 3.22 4.39
C ARG A 98 -16.90 4.39 3.42
N VAL A 99 -15.72 4.98 3.37
CA VAL A 99 -15.44 6.18 2.60
C VAL A 99 -14.19 5.91 1.77
N VAL A 100 -14.33 5.95 0.44
CA VAL A 100 -13.19 5.75 -0.46
C VAL A 100 -12.39 7.04 -0.53
N VAL A 101 -11.09 6.94 -0.24
CA VAL A 101 -10.19 8.09 -0.17
C VAL A 101 -9.15 7.95 -1.28
N GLN A 102 -9.05 8.95 -2.13
CA GLN A 102 -8.08 8.99 -3.24
C GLN A 102 -7.47 10.39 -3.22
N LEU A 103 -6.37 10.57 -2.51
CA LEU A 103 -5.80 11.91 -2.36
C LEU A 103 -4.31 11.91 -2.65
N PRO A 104 -3.76 13.07 -3.04
CA PRO A 104 -2.31 13.20 -3.20
C PRO A 104 -1.62 13.40 -1.85
N ASN A 105 -0.29 13.55 -1.89
CA ASN A 105 0.53 13.78 -0.70
C ASN A 105 0.42 15.24 -0.27
N THR A 106 -0.70 15.57 0.36
CA THR A 106 -0.92 16.90 0.91
C THR A 106 -1.49 16.76 2.33
N ASP A 107 -1.52 17.90 3.02
CA ASP A 107 -2.01 17.92 4.39
C ASP A 107 -3.47 17.53 4.49
N ALA A 108 -4.24 17.75 3.41
CA ALA A 108 -5.65 17.39 3.41
C ALA A 108 -5.85 15.92 3.74
N PHE A 109 -4.99 15.04 3.19
CA PHE A 109 -5.09 13.62 3.49
C PHE A 109 -4.91 13.35 4.97
N VAL A 110 -3.94 14.01 5.62
CA VAL A 110 -3.60 13.66 6.99
C VAL A 110 -4.72 14.08 7.94
N VAL A 111 -5.23 15.29 7.76
CA VAL A 111 -6.36 15.75 8.57
C VAL A 111 -7.56 14.83 8.36
N LEU A 112 -7.85 14.50 7.11
CA LEU A 112 -9.04 13.72 6.79
C LEU A 112 -8.94 12.29 7.29
N PHE A 113 -7.74 11.70 7.27
CA PHE A 113 -7.57 10.35 7.79
C PHE A 113 -8.04 10.29 9.24
N PHE A 114 -7.55 11.22 10.06
CA PHE A 114 -7.93 11.23 11.46
C PHE A 114 -9.36 11.70 11.67
N ALA A 115 -9.86 12.59 10.82
CA ALA A 115 -11.24 13.05 10.96
C ALA A 115 -12.22 11.91 10.69
N LEU A 116 -11.94 11.08 9.69
CA LEU A 116 -12.76 9.91 9.39
C LEU A 116 -12.76 8.92 10.55
N LEU A 117 -11.57 8.60 11.08
CA LEU A 117 -11.47 7.70 12.22
C LEU A 117 -12.28 8.20 13.41
N ARG A 118 -12.14 9.49 13.73
CA ARG A 118 -12.86 10.06 14.87
C ARG A 118 -14.36 10.12 14.64
N ALA A 119 -14.78 10.26 13.39
CA ALA A 119 -16.20 10.18 13.09
C ALA A 119 -16.75 8.75 13.12
N GLY A 120 -15.88 7.73 13.22
CA GLY A 120 -16.32 6.36 13.17
C GLY A 120 -16.40 5.76 11.78
N ALA A 121 -16.11 6.54 10.75
CA ALA A 121 -16.08 6.01 9.39
C ALA A 121 -14.83 5.17 9.18
N VAL A 122 -14.87 4.32 8.15
CA VAL A 122 -13.81 3.38 7.81
C VAL A 122 -13.21 3.84 6.49
N PRO A 123 -12.00 4.42 6.48
CA PRO A 123 -11.37 4.82 5.21
C PRO A 123 -11.05 3.61 4.35
N VAL A 124 -11.37 3.70 3.06
CA VAL A 124 -10.96 2.74 2.04
C VAL A 124 -9.89 3.46 1.20
N LEU A 125 -8.63 3.10 1.41
CA LEU A 125 -7.51 3.88 0.89
C LEU A 125 -7.12 3.39 -0.51
N THR A 126 -7.27 4.26 -1.50
CA THR A 126 -6.84 3.99 -2.86
C THR A 126 -5.73 4.97 -3.24
N LEU A 127 -5.04 4.64 -4.32
CA LEU A 127 -3.91 5.36 -4.90
C LEU A 127 -4.40 6.38 -5.93
N PRO A 128 -3.72 7.53 -6.02
CA PRO A 128 -4.08 8.52 -7.06
C PRO A 128 -4.14 7.96 -8.48
N ALA A 129 -3.40 6.89 -8.78
CA ALA A 129 -3.34 6.32 -10.11
C ALA A 129 -4.54 5.42 -10.44
N HIS A 130 -5.34 5.04 -9.46
CA HIS A 130 -6.46 4.16 -9.75
C HIS A 130 -7.54 4.87 -10.53
N ARG A 131 -8.17 4.15 -11.45
CA ARG A 131 -9.16 4.75 -12.33
C ARG A 131 -10.51 4.05 -12.17
N GLU A 132 -11.43 4.22 -13.12
CA GLU A 132 -12.82 3.83 -12.91
C GLU A 132 -12.99 2.36 -12.56
N SER A 133 -12.24 1.49 -13.21
CA SER A 133 -12.42 0.06 -12.97
C SER A 133 -12.12 -0.31 -11.53
N GLU A 134 -11.02 0.22 -10.98
CA GLU A 134 -10.65 -0.08 -9.61
C GLU A 134 -11.55 0.65 -8.62
N ILE A 135 -11.84 1.93 -8.88
CA ILE A 135 -12.63 2.72 -7.94
C ILE A 135 -14.04 2.17 -7.83
N VAL A 136 -14.65 1.81 -8.96
CA VAL A 136 -16.02 1.30 -8.92
C VAL A 136 -16.07 -0.04 -8.18
N HIS A 137 -15.10 -0.93 -8.44
CA HIS A 137 -15.12 -2.22 -7.75
C HIS A 137 -14.98 -2.07 -6.24
N VAL A 138 -14.02 -1.26 -5.78
CA VAL A 138 -13.84 -1.20 -4.34
C VAL A 138 -14.99 -0.42 -3.69
N ALA A 139 -15.61 0.52 -4.42
CA ALA A 139 -16.73 1.27 -3.88
C ALA A 139 -17.97 0.40 -3.75
N GLU A 140 -18.19 -0.50 -4.71
CA GLU A 140 -19.34 -1.39 -4.62
C GLU A 140 -19.09 -2.51 -3.60
N THR A 141 -17.87 -3.05 -3.55
CA THR A 141 -17.55 -4.06 -2.54
C THR A 141 -17.76 -3.50 -1.15
N ALA A 142 -17.18 -2.33 -0.88
CA ALA A 142 -17.28 -1.75 0.45
C ALA A 142 -18.65 -1.17 0.74
N GLY A 143 -19.52 -1.06 -0.27
CA GLY A 143 -20.76 -0.33 -0.08
C GLY A 143 -20.54 1.10 0.35
N ALA A 144 -19.56 1.78 -0.26
CA ALA A 144 -19.13 3.09 0.19
C ALA A 144 -20.23 4.13 0.04
N THR A 145 -20.31 5.03 1.01
CA THR A 145 -21.29 6.10 0.98
C THR A 145 -20.69 7.46 0.62
N ALA A 146 -19.37 7.55 0.53
CA ALA A 146 -18.71 8.81 0.23
C ALA A 146 -17.41 8.50 -0.49
N TYR A 147 -16.94 9.48 -1.26
CA TYR A 147 -15.74 9.36 -2.07
C TYR A 147 -15.03 10.71 -2.02
N VAL A 148 -13.73 10.68 -1.74
CA VAL A 148 -12.94 11.88 -1.54
C VAL A 148 -11.84 11.91 -2.59
N ILE A 149 -11.75 13.03 -3.30
CA ILE A 149 -10.90 13.14 -4.49
C ILE A 149 -10.22 14.50 -4.51
N PRO A 150 -9.13 14.64 -5.28
CA PRO A 150 -8.69 15.97 -5.71
C PRO A 150 -9.57 16.43 -6.87
N ASP A 151 -9.41 17.69 -7.26
CA ASP A 151 -10.05 18.08 -8.52
C ASP A 151 -9.24 17.55 -9.70
N VAL A 152 -8.05 18.10 -9.92
CA VAL A 152 -7.17 17.71 -11.01
C VAL A 152 -5.81 17.37 -10.42
N LEU A 153 -5.28 16.20 -10.77
CA LEU A 153 -4.01 15.73 -10.23
C LEU A 153 -3.23 15.09 -11.37
N ASP A 154 -2.04 15.59 -11.63
CA ASP A 154 -1.19 15.11 -12.72
C ASP A 154 -1.97 15.04 -14.04
N GLY A 155 -2.78 16.07 -14.29
CA GLY A 155 -3.47 16.23 -15.55
C GLY A 155 -4.78 15.48 -15.69
N PHE A 156 -5.16 14.66 -14.71
CA PHE A 156 -6.39 13.89 -14.75
C PHE A 156 -7.44 14.49 -13.84
N ASP A 157 -8.66 14.66 -14.35
CA ASP A 157 -9.76 15.28 -13.61
C ASP A 157 -10.51 14.20 -12.85
N HIS A 158 -10.24 14.11 -11.55
CA HIS A 158 -10.86 13.09 -10.71
C HIS A 158 -12.35 13.33 -10.50
N ARG A 159 -12.84 14.56 -10.72
CA ARG A 159 -14.27 14.80 -10.60
C ARG A 159 -15.06 14.08 -11.67
N ALA A 160 -14.48 13.95 -12.88
CA ALA A 160 -15.13 13.13 -13.90
C ALA A 160 -15.24 11.69 -13.43
N LEU A 161 -14.18 11.19 -12.80
CA LEU A 161 -14.18 9.86 -12.25
C LEU A 161 -15.24 9.70 -11.17
N ALA A 162 -15.41 10.73 -10.33
CA ALA A 162 -16.45 10.67 -9.30
C ALA A 162 -17.85 10.64 -9.90
N ARG A 163 -18.06 11.31 -11.04
CA ARG A 163 -19.35 11.26 -11.72
C ARG A 163 -19.60 9.87 -12.29
N ALA A 164 -18.56 9.23 -12.83
CA ALA A 164 -18.72 7.87 -13.32
C ALA A 164 -18.96 6.89 -12.17
N ALA A 165 -18.32 7.13 -11.01
CA ALA A 165 -18.48 6.23 -9.88
C ALA A 165 -19.87 6.34 -9.28
N ARG A 166 -20.40 7.56 -9.15
CA ARG A 166 -21.75 7.73 -8.63
C ARG A 166 -22.80 7.10 -9.54
N LYS A 167 -22.58 7.10 -10.86
CA LYS A 167 -23.55 6.46 -11.74
C LYS A 167 -23.54 4.95 -11.56
N ALA A 168 -22.37 4.35 -11.36
CA ALA A 168 -22.26 2.91 -11.23
C ALA A 168 -22.48 2.40 -9.80
N VAL A 169 -22.29 3.24 -8.79
CA VAL A 169 -22.41 2.81 -7.40
C VAL A 169 -23.41 3.73 -6.71
N PRO A 170 -24.68 3.36 -6.64
CA PRO A 170 -25.70 4.29 -6.13
C PRO A 170 -25.56 4.62 -4.65
N SER A 171 -24.79 3.87 -3.88
CA SER A 171 -24.64 4.19 -2.46
C SER A 171 -23.76 5.42 -2.19
N ILE A 172 -22.99 5.90 -3.16
CA ILE A 172 -22.15 7.08 -2.91
C ILE A 172 -23.05 8.30 -2.84
N GLU A 173 -23.26 8.81 -1.62
CA GLU A 173 -24.09 10.01 -1.40
C GLU A 173 -23.28 11.30 -1.50
N HIS A 174 -22.05 11.31 -1.06
CA HIS A 174 -21.27 12.53 -1.03
C HIS A 174 -19.94 12.34 -1.74
N VAL A 175 -19.52 13.38 -2.46
CA VAL A 175 -18.19 13.47 -3.04
C VAL A 175 -17.55 14.71 -2.45
N LEU A 176 -16.46 14.52 -1.74
CA LEU A 176 -15.69 15.62 -1.15
C LEU A 176 -14.46 15.85 -1.99
N VAL A 177 -14.19 17.10 -2.33
CA VAL A 177 -13.16 17.46 -3.30
C VAL A 177 -12.16 18.39 -2.63
N ALA A 178 -10.91 17.95 -2.59
CA ALA A 178 -9.78 18.80 -2.23
C ALA A 178 -9.45 19.67 -3.43
N GLY A 179 -10.11 20.82 -3.52
CA GLY A 179 -9.94 21.72 -4.64
C GLY A 179 -11.23 22.39 -5.04
N GLU A 180 -11.37 22.70 -6.33
CA GLU A 180 -12.65 23.20 -6.84
C GLU A 180 -13.64 22.05 -6.89
N ALA A 181 -14.66 22.11 -6.03
CA ALA A 181 -15.57 20.98 -5.81
C ALA A 181 -16.61 20.81 -6.90
N ALA A 182 -16.81 21.81 -7.76
CA ALA A 182 -17.80 21.79 -8.85
C ALA A 182 -19.18 21.62 -8.22
N GLU A 183 -19.96 20.61 -8.61
CA GLU A 183 -21.28 20.39 -8.01
C GLU A 183 -21.21 19.58 -6.72
N PHE A 184 -20.02 19.17 -6.30
CA PHE A 184 -19.83 18.34 -5.13
C PHE A 184 -19.54 19.23 -3.92
N THR A 185 -18.92 18.66 -2.90
CA THR A 185 -18.67 19.37 -1.65
C THR A 185 -17.19 19.65 -1.54
N ALA A 186 -16.83 20.88 -1.19
CA ALA A 186 -15.43 21.19 -0.96
C ALA A 186 -14.97 20.58 0.35
N LEU A 187 -13.86 19.82 0.31
CA LEU A 187 -13.36 19.18 1.51
C LEU A 187 -13.03 20.21 2.60
N ALA A 188 -12.60 21.41 2.23
CA ALA A 188 -12.29 22.42 3.24
C ALA A 188 -13.54 23.01 3.90
N ASP A 189 -14.72 22.85 3.31
CA ASP A 189 -15.96 23.28 3.95
C ASP A 189 -16.51 22.25 4.92
N VAL A 190 -16.02 21.02 4.89
CA VAL A 190 -16.40 20.00 5.86
C VAL A 190 -15.73 20.36 7.19
N ASP A 191 -16.43 21.15 7.99
CA ASP A 191 -15.85 21.80 9.16
C ASP A 191 -16.98 22.25 10.07
N ALA A 192 -16.89 21.91 11.36
CA ALA A 192 -17.86 22.38 12.33
C ALA A 192 -17.24 22.33 13.72
N ALA A 193 -17.94 22.95 14.67
CA ALA A 193 -17.44 23.00 16.04
C ALA A 193 -17.31 21.58 16.58
N PRO A 194 -16.19 21.23 17.21
CA PRO A 194 -15.98 19.84 17.65
C PRO A 194 -17.08 19.39 18.59
N VAL A 195 -17.43 18.11 18.48
CA VAL A 195 -18.53 17.55 19.27
C VAL A 195 -18.03 16.29 19.96
N PRO A 196 -18.65 15.91 21.07
CA PRO A 196 -18.33 14.61 21.70
C PRO A 196 -18.66 13.46 20.77
N LEU A 197 -17.63 12.72 20.37
CA LEU A 197 -17.79 11.57 19.49
C LEU A 197 -17.34 10.31 20.22
N ALA A 198 -18.14 9.25 20.10
CA ALA A 198 -17.83 8.03 20.80
C ALA A 198 -16.61 7.36 20.17
N GLU A 199 -16.02 6.44 20.93
CA GLU A 199 -14.82 5.72 20.51
C GLU A 199 -15.19 4.38 19.90
N PRO A 200 -14.46 3.98 18.85
CA PRO A 200 -14.68 2.65 18.28
C PRO A 200 -14.10 1.57 19.19
N ASP A 201 -14.61 0.36 19.03
CA ASP A 201 -14.01 -0.79 19.68
C ASP A 201 -12.66 -1.07 19.03
N PRO A 202 -11.58 -1.26 19.80
CA PRO A 202 -10.27 -1.45 19.17
C PRO A 202 -10.14 -2.76 18.39
N GLY A 203 -10.99 -3.73 18.65
CA GLY A 203 -10.98 -4.94 17.86
C GLY A 203 -11.74 -4.87 16.56
N ASP A 204 -12.36 -3.72 16.27
CA ASP A 204 -13.11 -3.49 15.05
C ASP A 204 -12.19 -3.04 13.92
N VAL A 205 -12.68 -3.20 12.68
CA VAL A 205 -11.94 -2.75 11.52
C VAL A 205 -11.76 -1.23 11.59
N ALA A 206 -10.51 -0.79 11.46
CA ALA A 206 -10.20 0.64 11.45
C ALA A 206 -10.20 1.20 10.03
N LEU A 207 -9.65 0.43 9.09
CA LEU A 207 -9.49 0.92 7.72
C LEU A 207 -9.41 -0.28 6.80
N LEU A 208 -9.59 -0.02 5.51
CA LEU A 208 -9.49 -1.04 4.47
C LEU A 208 -8.39 -0.62 3.50
N LEU A 209 -7.42 -1.51 3.29
CA LEU A 209 -6.32 -1.35 2.35
C LEU A 209 -6.62 -2.14 1.08
N LEU A 210 -5.97 -1.74 -0.01
CA LEU A 210 -6.06 -2.40 -1.31
C LEU A 210 -4.87 -3.34 -1.48
N SER A 211 -5.12 -4.52 -2.04
CA SER A 211 -4.04 -5.35 -2.54
C SER A 211 -4.18 -5.49 -4.05
N GLY A 212 -3.05 -5.56 -4.74
CA GLY A 212 -3.08 -5.92 -6.16
C GLY A 212 -3.84 -7.21 -6.39
N GLY A 213 -3.66 -8.18 -5.51
CA GLY A 213 -4.39 -9.42 -5.60
C GLY A 213 -3.95 -10.29 -6.76
N THR A 214 -4.55 -11.48 -6.80
CA THR A 214 -4.25 -12.47 -7.81
C THR A 214 -5.53 -12.98 -8.47
N THR A 215 -6.64 -12.32 -8.20
CA THR A 215 -7.92 -12.74 -8.74
C THR A 215 -8.43 -11.67 -9.72
N GLY A 216 -9.65 -11.88 -10.23
CA GLY A 216 -10.17 -10.99 -11.25
C GLY A 216 -10.51 -9.59 -10.78
N LYS A 217 -10.48 -9.34 -9.47
CA LYS A 217 -10.81 -8.01 -8.93
C LYS A 217 -9.94 -7.73 -7.72
N PRO A 218 -9.49 -6.48 -7.53
CA PRO A 218 -8.70 -6.17 -6.33
C PRO A 218 -9.45 -6.50 -5.05
N LYS A 219 -8.70 -6.84 -4.02
CA LYS A 219 -9.27 -7.32 -2.77
C LYS A 219 -8.99 -6.30 -1.68
N LEU A 220 -9.95 -6.13 -0.77
CA LEU A 220 -9.81 -5.22 0.35
C LEU A 220 -9.32 -5.98 1.60
N ILE A 221 -8.42 -5.35 2.34
CA ILE A 221 -7.73 -5.90 3.50
C ILE A 221 -8.24 -5.14 4.72
N PRO A 222 -9.00 -5.78 5.62
CA PRO A 222 -9.41 -5.11 6.86
C PRO A 222 -8.24 -5.10 7.84
N ARG A 223 -7.96 -3.93 8.39
CA ARG A 223 -6.96 -3.77 9.44
C ARG A 223 -7.65 -3.15 10.63
N THR A 224 -7.52 -3.78 11.79
CA THR A 224 -8.20 -3.34 13.00
C THR A 224 -7.38 -2.28 13.72
N HIS A 225 -8.02 -1.58 14.66
CA HIS A 225 -7.31 -0.60 15.46
C HIS A 225 -6.15 -1.23 16.21
N ASP A 226 -6.35 -2.40 16.80
CA ASP A 226 -5.30 -3.05 17.59
C ASP A 226 -4.14 -3.51 16.71
N ASP A 227 -4.43 -4.17 15.58
CA ASP A 227 -3.33 -4.73 14.82
C ASP A 227 -2.58 -3.66 14.02
N TYR A 228 -3.26 -2.60 13.58
CA TYR A 228 -2.57 -1.54 12.84
C TYR A 228 -1.75 -0.67 13.78
N THR A 229 -2.30 -0.37 14.96
CA THR A 229 -1.50 0.33 15.97
C THR A 229 -0.24 -0.45 16.31
N TYR A 230 -0.35 -1.77 16.44
CA TYR A 230 0.82 -2.61 16.73
C TYR A 230 1.82 -2.53 15.60
N ASN A 231 1.34 -2.74 14.37
CA ASN A 231 2.12 -2.54 13.15
C ASN A 231 2.94 -1.26 13.23
N VAL A 232 2.27 -0.14 13.48
CA VAL A 232 2.93 1.18 13.54
C VAL A 232 3.92 1.24 14.71
N ARG A 233 3.46 0.85 15.92
CA ARG A 233 4.30 1.00 17.10
C ARG A 233 5.54 0.11 17.04
N ALA A 234 5.36 -1.18 16.71
CA ALA A 234 6.50 -2.10 16.63
C ALA A 234 7.48 -1.69 15.53
N SER A 235 6.96 -1.23 14.38
CA SER A 235 7.80 -0.72 13.29
C SER A 235 8.60 0.49 13.75
N ALA A 236 7.95 1.47 14.38
CA ALA A 236 8.65 2.65 14.88
C ALA A 236 9.83 2.25 15.78
N GLU A 237 9.65 1.22 16.62
CA GLU A 237 10.72 0.79 17.53
C GLU A 237 11.89 0.17 16.76
N VAL A 238 11.59 -0.72 15.81
CA VAL A 238 12.62 -1.40 15.03
C VAL A 238 13.43 -0.42 14.19
N CYS A 239 12.79 0.62 13.65
CA CYS A 239 13.46 1.60 12.79
C CYS A 239 14.02 2.78 13.56
N GLY A 240 13.93 2.78 14.89
CA GLY A 240 14.52 3.84 15.67
C GLY A 240 13.87 5.19 15.48
N PHE A 241 12.59 5.23 15.11
CA PHE A 241 11.87 6.48 14.96
C PHE A 241 11.65 7.13 16.31
N ASP A 242 11.92 8.42 16.41
CA ASP A 242 11.68 9.13 17.65
C ASP A 242 11.29 10.56 17.32
N SER A 243 11.18 11.40 18.36
CA SER A 243 10.75 12.79 18.20
C SER A 243 11.72 13.60 17.35
N ASP A 244 12.97 13.16 17.22
CA ASP A 244 13.92 13.79 16.33
C ASP A 244 13.89 13.22 14.91
N THR A 245 12.92 12.37 14.59
CA THR A 245 12.81 11.87 13.23
C THR A 245 12.09 12.88 12.37
N VAL A 246 12.64 13.16 11.21
CA VAL A 246 11.97 13.91 10.15
C VAL A 246 11.78 12.94 8.97
N TYR A 247 10.54 12.54 8.73
CA TYR A 247 10.23 11.49 7.77
C TYR A 247 9.63 12.08 6.51
N LEU A 248 10.21 11.76 5.36
CA LEU A 248 9.74 12.27 4.07
C LEU A 248 8.83 11.22 3.42
N VAL A 249 7.58 11.60 3.17
CA VAL A 249 6.62 10.72 2.51
C VAL A 249 6.80 10.87 1.00
N VAL A 250 7.46 9.88 0.40
CA VAL A 250 7.77 9.87 -1.01
C VAL A 250 6.79 8.99 -1.79
N LEU A 251 6.48 7.82 -1.26
CA LEU A 251 5.39 7.00 -1.75
C LEU A 251 4.06 7.70 -1.46
N PRO A 252 2.98 7.31 -2.16
CA PRO A 252 1.65 7.83 -1.79
C PRO A 252 1.34 7.58 -0.32
N THR A 253 0.74 8.59 0.32
CA THR A 253 0.38 8.47 1.74
C THR A 253 -0.48 7.22 2.01
N ALA A 254 -1.24 6.76 1.01
CA ALA A 254 -2.11 5.59 1.17
C ALA A 254 -1.39 4.24 0.94
N HIS A 255 -0.13 4.26 0.55
CA HIS A 255 0.67 3.04 0.51
C HIS A 255 1.03 2.61 1.94
N ASN A 256 0.75 1.34 2.28
CA ASN A 256 0.99 0.83 3.63
C ASN A 256 2.42 1.11 4.10
N PHE A 257 3.39 0.98 3.19
CA PHE A 257 4.80 1.21 3.48
C PHE A 257 5.04 2.62 4.02
N ALA A 258 4.44 3.62 3.36
CA ALA A 258 4.64 5.02 3.73
C ALA A 258 3.65 5.49 4.80
N LEU A 259 2.56 4.77 5.01
CA LEU A 259 1.58 5.11 6.04
C LEU A 259 1.95 4.54 7.40
N ALA A 260 2.43 3.29 7.44
CA ALA A 260 2.47 2.55 8.69
C ALA A 260 3.72 1.72 8.96
N CYS A 261 4.74 1.72 8.10
CA CYS A 261 5.85 0.78 8.25
C CYS A 261 7.22 1.45 8.33
N PRO A 262 7.44 2.34 9.30
CA PRO A 262 6.54 2.96 10.28
C PRO A 262 5.73 4.09 9.63
N GLY A 263 6.28 4.67 8.55
CA GLY A 263 5.59 5.65 7.75
C GLY A 263 5.22 6.90 8.53
N LEU A 264 4.20 7.58 8.03
CA LEU A 264 3.80 8.83 8.66
C LEU A 264 3.11 8.59 9.99
N LEU A 265 2.39 7.46 10.14
CA LEU A 265 1.73 7.20 11.41
C LEU A 265 2.76 6.92 12.52
N GLY A 266 3.85 6.22 12.19
CA GLY A 266 4.91 6.02 13.16
C GLY A 266 5.57 7.33 13.58
N THR A 267 5.82 8.21 12.61
CA THR A 267 6.41 9.51 12.92
C THR A 267 5.51 10.32 13.84
N LEU A 268 4.22 10.38 13.54
CA LEU A 268 3.28 11.08 14.41
C LEU A 268 3.16 10.42 15.78
N MET A 269 3.19 9.08 15.83
CA MET A 269 3.03 8.42 17.12
C MET A 269 4.17 8.78 18.08
N VAL A 270 5.41 8.86 17.57
CA VAL A 270 6.56 9.17 18.41
C VAL A 270 6.86 10.66 18.52
N GLY A 271 6.12 11.50 17.81
CA GLY A 271 6.34 12.94 17.93
C GLY A 271 7.37 13.54 17.01
N GLY A 272 7.71 12.88 15.91
CA GLY A 272 8.60 13.47 14.92
C GLY A 272 7.86 14.39 13.95
N THR A 273 8.50 14.69 12.82
CA THR A 273 7.92 15.56 11.81
C THR A 273 7.72 14.82 10.49
N VAL A 274 6.52 14.89 9.95
CA VAL A 274 6.18 14.32 8.66
C VAL A 274 6.33 15.40 7.59
N VAL A 275 7.14 15.14 6.57
CA VAL A 275 7.32 16.06 5.44
C VAL A 275 6.77 15.40 4.19
N LEU A 276 5.82 16.07 3.52
CA LEU A 276 5.12 15.48 2.38
C LEU A 276 5.83 15.85 1.08
N ALA A 277 6.30 14.84 0.35
CA ALA A 277 6.87 15.12 -0.95
C ALA A 277 5.80 14.97 -2.04
N PRO A 278 5.78 15.89 -3.01
CA PRO A 278 4.80 15.75 -4.10
C PRO A 278 5.12 14.61 -5.04
N THR A 279 6.40 14.38 -5.34
CA THR A 279 6.84 13.32 -6.24
C THR A 279 8.13 12.74 -5.70
N PRO A 280 8.50 11.53 -6.14
CA PRO A 280 9.81 10.96 -5.79
C PRO A 280 10.98 11.47 -6.62
N SER A 281 10.76 12.38 -7.56
CA SER A 281 11.87 12.84 -8.41
C SER A 281 12.91 13.56 -7.56
N PRO A 282 14.19 13.45 -7.93
CA PRO A 282 15.23 14.13 -7.14
C PRO A 282 15.05 15.63 -7.03
N GLU A 283 14.51 16.27 -8.07
CA GLU A 283 14.21 17.69 -8.02
C GLU A 283 13.36 18.04 -6.80
N ASP A 284 12.27 17.31 -6.59
CA ASP A 284 11.39 17.55 -5.45
C ASP A 284 11.98 17.00 -4.15
N ALA A 285 12.37 15.72 -4.16
CA ALA A 285 12.75 15.06 -2.92
C ALA A 285 14.06 15.60 -2.35
N PHE A 286 15.06 15.84 -3.20
CA PHE A 286 16.36 16.27 -2.67
C PHE A 286 16.27 17.66 -2.08
N GLU A 287 15.41 18.51 -2.65
CA GLU A 287 15.22 19.85 -2.14
C GLU A 287 14.57 19.82 -0.76
N LEU A 288 13.59 18.92 -0.55
CA LEU A 288 12.94 18.79 0.74
C LEU A 288 13.87 18.18 1.78
N ILE A 289 14.69 17.21 1.38
CA ILE A 289 15.65 16.59 2.31
C ILE A 289 16.59 17.66 2.85
N GLU A 290 17.06 18.53 1.97
CA GLU A 290 17.95 19.60 2.42
C GLU A 290 17.17 20.64 3.22
N ARG A 291 16.02 21.07 2.70
CA ARG A 291 15.28 22.15 3.34
C ARG A 291 14.79 21.77 4.73
N GLU A 292 14.24 20.56 4.88
CA GLU A 292 13.63 20.19 6.15
C GLU A 292 14.52 19.29 7.01
N LYS A 293 15.74 19.00 6.58
CA LYS A 293 16.66 18.07 7.24
C LYS A 293 16.00 16.71 7.55
N VAL A 294 15.49 16.12 6.47
CA VAL A 294 14.89 14.80 6.52
C VAL A 294 15.92 13.79 7.01
N THR A 295 15.51 12.94 7.95
CA THR A 295 16.37 11.90 8.50
C THR A 295 15.99 10.50 8.02
N ALA A 296 14.79 10.31 7.47
CA ALA A 296 14.32 8.99 7.12
C ALA A 296 13.32 9.08 5.97
N THR A 297 13.37 8.11 5.06
CA THR A 297 12.34 8.00 4.04
C THR A 297 12.28 6.53 3.57
N ALA A 298 11.22 6.21 2.83
CA ALA A 298 11.01 4.87 2.30
C ALA A 298 10.72 4.97 0.80
N VAL A 299 11.36 4.10 0.01
CA VAL A 299 11.25 4.12 -1.44
C VAL A 299 11.14 2.70 -1.99
N VAL A 300 10.65 2.60 -3.22
CA VAL A 300 10.68 1.33 -3.96
C VAL A 300 12.01 1.29 -4.72
N PRO A 301 12.50 0.11 -5.10
CA PRO A 301 13.85 0.02 -5.69
C PRO A 301 14.05 0.89 -6.92
N PRO A 302 13.07 1.04 -7.84
CA PRO A 302 13.32 1.96 -8.98
C PRO A 302 13.66 3.38 -8.57
N VAL A 303 13.03 3.89 -7.51
CA VAL A 303 13.35 5.23 -7.04
C VAL A 303 14.70 5.25 -6.32
N ALA A 304 15.03 4.19 -5.58
CA ALA A 304 16.36 4.07 -4.98
C ALA A 304 17.44 4.14 -6.06
N LEU A 305 17.26 3.44 -7.17
CA LEU A 305 18.24 3.47 -8.25
C LEU A 305 18.36 4.86 -8.86
N LEU A 306 17.21 5.54 -9.05
CA LEU A 306 17.23 6.90 -9.58
C LEU A 306 18.02 7.84 -8.67
N TRP A 307 17.79 7.75 -7.35
CA TRP A 307 18.49 8.64 -6.41
C TRP A 307 19.97 8.33 -6.34
N LEU A 308 20.31 7.05 -6.36
CA LEU A 308 21.71 6.63 -6.37
C LEU A 308 22.45 7.17 -7.59
N ASP A 309 21.77 7.25 -8.75
CA ASP A 309 22.38 7.88 -9.92
C ASP A 309 22.43 9.40 -9.77
N ALA A 310 21.33 10.01 -9.32
CA ALA A 310 21.17 11.45 -9.39
C ALA A 310 22.13 12.21 -8.47
N VAL A 311 22.61 11.59 -7.39
CA VAL A 311 23.57 12.27 -6.53
C VAL A 311 24.82 12.70 -7.28
N GLU A 312 25.08 12.10 -8.44
CA GLU A 312 26.27 12.43 -9.20
C GLU A 312 26.14 13.72 -10.01
N TRP A 313 24.92 14.19 -10.28
CA TRP A 313 24.73 15.48 -10.93
C TRP A 313 23.92 16.48 -10.11
N GLU A 314 23.30 16.06 -9.02
CA GLU A 314 22.57 16.99 -8.17
C GLU A 314 23.47 17.45 -7.03
N ASP A 315 23.32 18.72 -6.65
CA ASP A 315 24.19 19.35 -5.65
C ASP A 315 23.49 19.56 -4.31
N ALA A 316 22.38 18.87 -4.06
CA ALA A 316 21.68 19.04 -2.80
C ALA A 316 22.48 18.42 -1.66
N ASP A 317 22.35 19.04 -0.48
CA ASP A 317 22.93 18.52 0.75
C ASP A 317 21.98 17.47 1.35
N LEU A 318 22.36 16.19 1.26
CA LEU A 318 21.56 15.09 1.79
C LEU A 318 22.11 14.54 3.09
N SER A 319 23.07 15.23 3.71
CA SER A 319 23.79 14.67 4.85
C SER A 319 22.89 14.36 6.04
N SER A 320 21.75 15.06 6.18
CA SER A 320 20.83 14.79 7.27
C SER A 320 20.21 13.39 7.21
N LEU A 321 20.20 12.76 6.05
CA LEU A 321 19.60 11.43 5.90
C LEU A 321 20.33 10.40 6.75
N ARG A 322 19.59 9.67 7.58
CA ARG A 322 20.15 8.61 8.40
C ARG A 322 19.67 7.23 7.99
N LEU A 323 18.46 7.11 7.47
CA LEU A 323 17.83 5.84 7.18
C LEU A 323 17.09 5.92 5.84
N LEU A 324 17.37 4.98 4.95
CA LEU A 324 16.63 4.80 3.69
C LEU A 324 16.04 3.40 3.69
N GLN A 325 14.72 3.30 3.78
CA GLN A 325 14.03 2.02 3.64
C GLN A 325 13.77 1.75 2.17
N VAL A 326 14.05 0.53 1.73
CA VAL A 326 13.79 0.14 0.34
C VAL A 326 13.05 -1.18 0.33
N GLY A 327 11.88 -1.19 -0.27
CA GLY A 327 11.11 -2.42 -0.37
C GLY A 327 10.04 -2.31 -1.43
N GLY A 328 9.14 -3.28 -1.45
CA GLY A 328 8.08 -3.32 -2.44
C GLY A 328 8.43 -4.28 -3.56
N SER A 329 9.70 -4.30 -3.92
CA SER A 329 10.30 -5.39 -4.67
C SER A 329 11.74 -5.45 -4.23
N LYS A 330 12.50 -6.38 -4.78
CA LYS A 330 13.78 -6.74 -4.20
C LYS A 330 14.85 -5.79 -4.72
N LEU A 331 15.56 -5.14 -3.79
CA LEU A 331 16.74 -4.35 -4.15
C LEU A 331 17.93 -5.28 -4.32
N GLY A 332 18.64 -5.14 -5.44
CA GLY A 332 19.77 -5.99 -5.71
C GLY A 332 20.93 -5.72 -4.77
N ALA A 333 21.75 -6.76 -4.56
CA ALA A 333 22.90 -6.64 -3.67
C ALA A 333 23.88 -5.58 -4.15
N GLU A 334 24.01 -5.40 -5.47
CA GLU A 334 25.00 -4.44 -5.96
C GLU A 334 24.57 -2.99 -5.69
N PRO A 335 23.36 -2.54 -6.06
CA PRO A 335 22.96 -1.20 -5.64
C PRO A 335 22.79 -1.06 -4.13
N ALA A 336 22.44 -2.14 -3.42
CA ALA A 336 22.33 -2.06 -1.97
C ALA A 336 23.64 -1.63 -1.33
N ALA A 337 24.76 -2.15 -1.85
CA ALA A 337 26.07 -1.80 -1.33
C ALA A 337 26.48 -0.37 -1.66
N ARG A 338 25.81 0.27 -2.62
CA ARG A 338 26.11 1.65 -2.99
C ARG A 338 25.39 2.68 -2.12
N VAL A 339 24.46 2.26 -1.25
CA VAL A 339 23.64 3.24 -0.54
C VAL A 339 24.49 4.05 0.43
N ARG A 340 25.35 3.39 1.21
CA ARG A 340 26.20 4.13 2.14
C ARG A 340 27.18 5.05 1.42
N PRO A 341 27.98 4.58 0.45
CA PRO A 341 28.88 5.53 -0.26
C PRO A 341 28.17 6.65 -0.98
N ALA A 342 27.06 6.37 -1.68
CA ALA A 342 26.44 7.38 -2.51
C ALA A 342 25.54 8.32 -1.71
N LEU A 343 24.74 7.79 -0.78
CA LEU A 343 23.76 8.60 -0.08
C LEU A 343 24.12 8.93 1.37
N GLY A 344 25.14 8.29 1.93
CA GLY A 344 25.58 8.63 3.28
C GLY A 344 24.66 8.19 4.41
N CYS A 345 23.86 7.15 4.20
CA CYS A 345 22.91 6.74 5.22
C CYS A 345 22.89 5.21 5.32
N THR A 346 22.14 4.74 6.31
CA THR A 346 21.95 3.31 6.55
C THR A 346 20.81 2.79 5.68
N LEU A 347 21.07 1.71 4.95
CA LEU A 347 19.99 1.06 4.21
C LEU A 347 19.23 0.09 5.12
N GLN A 348 17.91 0.06 4.98
CA GLN A 348 17.09 -0.99 5.57
C GLN A 348 16.23 -1.60 4.48
N GLN A 349 16.43 -2.89 4.22
CA GLN A 349 15.54 -3.61 3.32
C GLN A 349 14.28 -4.01 4.06
N VAL A 350 13.14 -3.85 3.40
CA VAL A 350 11.85 -4.14 3.98
C VAL A 350 11.06 -5.01 3.00
N PHE A 351 10.69 -6.21 3.44
CA PHE A 351 9.86 -7.09 2.65
C PHE A 351 8.53 -7.15 3.40
N GLY A 352 7.54 -6.42 2.90
CA GLY A 352 6.28 -6.28 3.59
C GLY A 352 5.11 -6.42 2.63
N MET A 353 3.91 -6.42 3.21
CA MET A 353 2.70 -6.57 2.44
C MET A 353 1.57 -5.91 3.21
N ALA A 354 0.60 -5.37 2.46
CA ALA A 354 -0.56 -4.77 3.09
C ALA A 354 -1.36 -5.80 3.87
N GLU A 355 -1.27 -7.07 3.51
CA GLU A 355 -1.97 -8.14 4.21
C GLU A 355 -1.49 -8.31 5.66
N GLY A 356 -0.30 -7.83 5.99
CA GLY A 356 0.26 -7.94 7.32
C GLY A 356 1.78 -8.06 7.33
N LEU A 357 2.30 -9.29 7.39
CA LEU A 357 3.70 -9.58 7.73
C LEU A 357 4.72 -8.59 7.16
N LEU A 358 5.52 -8.01 8.06
CA LEU A 358 6.64 -7.15 7.69
C LEU A 358 7.95 -7.82 8.12
N ASN A 359 8.90 -7.81 7.21
CA ASN A 359 10.27 -8.24 7.49
C ASN A 359 11.20 -7.04 7.34
N TYR A 360 12.04 -6.82 8.36
CA TYR A 360 12.98 -5.71 8.39
C TYR A 360 14.38 -6.24 8.62
N THR A 361 15.36 -5.72 7.86
CA THR A 361 16.73 -5.82 8.37
C THR A 361 16.86 -4.87 9.56
N ARG A 362 17.63 -5.28 10.56
CA ARG A 362 17.78 -4.43 11.73
C ARG A 362 18.87 -3.39 11.46
N LEU A 363 18.76 -2.24 12.15
CA LEU A 363 19.60 -1.10 11.79
C LEU A 363 21.07 -1.36 12.10
N ASP A 364 21.36 -2.26 13.04
CA ASP A 364 22.73 -2.61 13.38
C ASP A 364 23.10 -4.02 12.90
N ASP A 365 22.31 -4.61 12.00
CA ASP A 365 22.72 -5.83 11.33
C ASP A 365 24.09 -5.62 10.66
N PRO A 366 24.92 -6.66 10.61
CA PRO A 366 26.12 -6.58 9.76
C PRO A 366 25.72 -6.17 8.35
N SER A 367 26.64 -5.46 7.68
CA SER A 367 26.34 -4.97 6.34
C SER A 367 26.02 -6.09 5.37
N ASP A 368 26.64 -7.27 5.52
CA ASP A 368 26.34 -8.41 4.65
C ASP A 368 24.85 -8.73 4.62
N LEU A 369 24.19 -8.78 5.79
CA LEU A 369 22.78 -9.13 5.80
C LEU A 369 21.91 -7.99 5.29
N VAL A 370 22.35 -6.74 5.45
CA VAL A 370 21.56 -5.63 4.92
C VAL A 370 21.60 -5.65 3.39
N ILE A 371 22.74 -6.07 2.84
CA ILE A 371 22.96 -6.09 1.40
C ILE A 371 22.29 -7.30 0.76
N GLN A 372 22.29 -8.45 1.45
CA GLN A 372 21.94 -9.73 0.85
C GLN A 372 20.55 -10.25 1.25
N THR A 373 19.89 -9.68 2.24
CA THR A 373 18.62 -10.25 2.68
C THR A 373 17.54 -9.17 2.73
N GLN A 374 16.30 -9.63 2.84
CA GLN A 374 15.12 -8.78 2.91
C GLN A 374 14.54 -8.75 4.32
N GLY A 375 15.32 -9.10 5.33
CA GLY A 375 14.95 -8.89 6.71
C GLY A 375 14.43 -10.13 7.40
N ARG A 376 14.05 -9.94 8.64
CA ARG A 376 13.42 -10.99 9.43
C ARG A 376 12.19 -10.41 10.11
N PRO A 377 11.24 -11.27 10.51
CA PRO A 377 9.92 -10.76 10.87
C PRO A 377 9.93 -9.74 12.00
N LEU A 378 8.95 -8.83 11.93
CA LEU A 378 8.78 -7.77 12.92
C LEU A 378 8.45 -8.33 14.31
N SER A 379 7.45 -9.20 14.40
CA SER A 379 6.91 -9.60 15.70
C SER A 379 7.53 -10.92 16.16
N PRO A 380 7.80 -11.02 17.46
CA PRO A 380 8.13 -12.35 18.03
C PRO A 380 7.08 -13.40 17.74
N ASP A 381 5.83 -13.01 17.52
CA ASP A 381 4.77 -13.97 17.27
C ASP A 381 4.31 -13.97 15.82
N ASP A 382 5.10 -13.43 14.90
CA ASP A 382 4.94 -13.75 13.50
C ASP A 382 5.38 -15.18 13.27
N GLU A 383 4.50 -16.00 12.70
CA GLU A 383 4.81 -17.40 12.41
C GLU A 383 5.01 -17.58 10.92
N ILE A 384 6.03 -18.35 10.57
CA ILE A 384 6.54 -18.47 9.21
C ILE A 384 6.60 -19.95 8.88
N ARG A 385 6.05 -20.32 7.73
CA ARG A 385 6.22 -21.64 7.15
C ARG A 385 6.64 -21.47 5.70
N VAL A 386 7.56 -22.32 5.25
CA VAL A 386 8.01 -22.35 3.87
C VAL A 386 7.74 -23.76 3.36
N VAL A 387 6.87 -23.86 2.35
CA VAL A 387 6.30 -25.14 1.94
C VAL A 387 6.56 -25.39 0.45
N ASP A 388 6.59 -26.68 0.10
CA ASP A 388 6.75 -27.07 -1.30
C ASP A 388 5.38 -27.09 -1.99
N GLU A 389 5.34 -27.62 -3.22
CA GLU A 389 4.09 -27.64 -3.98
C GLU A 389 3.03 -28.50 -3.31
N ASP A 390 3.45 -29.51 -2.55
CA ASP A 390 2.53 -30.37 -1.81
C ASP A 390 2.13 -29.79 -0.46
N GLY A 391 2.57 -28.57 -0.14
CA GLY A 391 2.25 -27.95 1.13
C GLY A 391 3.02 -28.48 2.32
N ARG A 392 4.08 -29.25 2.10
CA ARG A 392 4.88 -29.76 3.20
C ARG A 392 6.10 -28.88 3.41
N ASP A 393 6.49 -28.74 4.67
CA ASP A 393 7.57 -27.82 4.99
C ASP A 393 8.85 -28.23 4.29
N VAL A 394 9.56 -27.25 3.75
CA VAL A 394 10.80 -27.53 3.06
C VAL A 394 11.90 -27.79 4.07
N ALA A 395 12.99 -28.38 3.60
CA ALA A 395 14.17 -28.50 4.45
C ALA A 395 14.79 -27.13 4.67
N PRO A 396 15.35 -26.87 5.85
CA PRO A 396 15.84 -25.53 6.15
C PRO A 396 16.82 -25.03 5.10
N GLY A 397 16.58 -23.82 4.61
CA GLY A 397 17.39 -23.23 3.57
C GLY A 397 16.96 -23.54 2.15
N GLU A 398 15.98 -24.42 1.96
CA GLU A 398 15.42 -24.62 0.64
C GLU A 398 14.40 -23.52 0.31
N THR A 399 14.22 -23.28 -0.97
CA THR A 399 13.24 -22.30 -1.43
C THR A 399 11.85 -22.92 -1.47
N GLY A 400 10.86 -22.16 -0.99
CA GLY A 400 9.48 -22.61 -1.06
C GLY A 400 8.56 -21.43 -0.86
N GLU A 401 7.26 -21.72 -0.80
CA GLU A 401 6.29 -20.65 -0.68
C GLU A 401 6.12 -20.24 0.76
N LEU A 402 6.09 -18.94 0.99
CA LEU A 402 5.94 -18.38 2.33
C LEU A 402 4.47 -18.34 2.74
N LEU A 403 4.17 -18.94 3.87
CA LEU A 403 2.89 -18.85 4.54
C LEU A 403 3.12 -18.17 5.87
N THR A 404 2.16 -17.35 6.31
CA THR A 404 2.43 -16.57 7.51
C THR A 404 1.13 -16.34 8.29
N ARG A 405 1.31 -16.18 9.60
CA ARG A 405 0.23 -15.92 10.53
C ARG A 405 0.84 -15.10 11.67
N GLY A 406 0.10 -14.13 12.20
CA GLY A 406 0.64 -13.31 13.25
C GLY A 406 -0.32 -12.25 13.75
N PRO A 407 0.14 -11.42 14.70
CA PRO A 407 -0.77 -10.46 15.35
C PRO A 407 -1.20 -9.27 14.49
N TYR A 408 -0.69 -9.13 13.26
CA TYR A 408 -1.20 -8.06 12.40
C TYR A 408 -1.39 -8.56 10.96
N THR A 409 -1.45 -9.88 10.75
CA THR A 409 -1.74 -10.47 9.45
C THR A 409 -3.20 -10.92 9.42
N LEU A 410 -3.88 -10.62 8.32
CA LEU A 410 -5.32 -10.85 8.22
C LEU A 410 -5.65 -12.33 8.21
N ARG A 411 -6.86 -12.67 8.67
CA ARG A 411 -7.38 -14.03 8.56
C ARG A 411 -8.31 -14.20 7.37
N GLY A 412 -8.62 -13.11 6.67
CA GLY A 412 -9.45 -13.16 5.49
C GLY A 412 -9.62 -11.78 4.86
N TYR A 413 -9.79 -11.75 3.54
CA TYR A 413 -10.09 -10.50 2.87
C TYR A 413 -11.52 -10.08 3.17
N TYR A 414 -11.80 -8.80 2.94
CA TYR A 414 -13.13 -8.25 3.16
C TYR A 414 -14.08 -8.71 2.06
N ARG A 415 -15.19 -9.32 2.47
CA ARG A 415 -16.26 -9.74 1.56
C ARG A 415 -15.73 -10.54 0.36
N ALA A 416 -14.82 -11.47 0.63
CA ALA A 416 -14.27 -12.34 -0.41
C ALA A 416 -14.22 -13.79 0.08
N PRO A 417 -15.38 -14.40 0.35
CA PRO A 417 -15.36 -15.75 0.91
C PRO A 417 -14.72 -16.79 0.00
N GLU A 418 -14.94 -16.73 -1.31
CA GLU A 418 -14.37 -17.75 -2.17
C GLU A 418 -12.86 -17.64 -2.26
N HIS A 419 -12.35 -16.41 -2.39
CA HIS A 419 -10.91 -16.22 -2.42
C HIS A 419 -10.29 -16.58 -1.07
N ASN A 420 -10.97 -16.27 0.03
CA ASN A 420 -10.47 -16.64 1.36
C ASN A 420 -10.31 -18.16 1.49
N ALA A 421 -11.24 -18.93 0.90
CA ALA A 421 -11.17 -20.38 0.97
C ALA A 421 -9.94 -20.93 0.24
N ARG A 422 -9.46 -20.22 -0.78
CA ARG A 422 -8.28 -20.61 -1.53
C ARG A 422 -6.98 -20.09 -0.94
N THR A 423 -7.02 -18.97 -0.22
CA THR A 423 -5.82 -18.21 0.09
C THR A 423 -5.36 -18.37 1.53
N PHE A 424 -6.17 -18.92 2.41
CA PHE A 424 -5.78 -19.16 3.79
C PHE A 424 -5.91 -20.64 4.10
N SER A 425 -4.87 -21.21 4.73
CA SER A 425 -4.93 -22.59 5.15
C SER A 425 -5.98 -22.76 6.25
N ASP A 426 -6.34 -24.02 6.51
CA ASP A 426 -7.39 -24.33 7.46
C ASP A 426 -7.08 -23.77 8.86
N ASP A 427 -5.81 -23.76 9.26
CA ASP A 427 -5.42 -23.19 10.56
C ASP A 427 -5.02 -21.72 10.46
N GLY A 428 -5.40 -21.04 9.37
CA GLY A 428 -5.32 -19.60 9.34
C GLY A 428 -4.04 -19.00 8.81
N PHE A 429 -3.18 -19.78 8.13
CA PHE A 429 -2.00 -19.19 7.50
C PHE A 429 -2.38 -18.53 6.18
N TYR A 430 -1.91 -17.30 6.01
CA TYR A 430 -2.03 -16.57 4.75
C TYR A 430 -0.94 -17.05 3.79
N ARG A 431 -1.35 -17.49 2.60
CA ARG A 431 -0.42 -17.89 1.53
C ARG A 431 0.00 -16.64 0.75
N THR A 432 1.24 -16.20 0.94
CA THR A 432 1.67 -14.92 0.38
C THR A 432 1.88 -15.01 -1.12
N GLY A 433 2.14 -16.21 -1.65
CA GLY A 433 2.55 -16.36 -3.02
C GLY A 433 3.98 -15.96 -3.32
N ASP A 434 4.76 -15.63 -2.30
CA ASP A 434 6.19 -15.31 -2.47
C ASP A 434 7.03 -16.57 -2.25
N LEU A 435 8.09 -16.72 -3.05
CA LEU A 435 9.05 -17.79 -2.86
C LEU A 435 10.26 -17.23 -2.11
N VAL A 436 10.64 -17.89 -1.03
CA VAL A 436 11.69 -17.41 -0.13
C VAL A 436 12.58 -18.56 0.34
N ARG A 437 13.76 -18.20 0.85
CA ARG A 437 14.61 -19.05 1.68
C ARG A 437 14.74 -18.38 3.03
N VAL A 438 14.76 -19.18 4.10
CA VAL A 438 15.01 -18.67 5.45
C VAL A 438 16.40 -19.10 5.84
N LEU A 439 17.27 -18.13 6.12
CA LEU A 439 18.64 -18.38 6.53
C LEU A 439 18.71 -18.80 8.01
N PRO A 440 19.86 -19.34 8.44
CA PRO A 440 19.99 -19.74 9.86
C PRO A 440 19.70 -18.64 10.87
N SER A 441 20.05 -17.38 10.57
CA SER A 441 19.73 -16.26 11.45
C SER A 441 18.25 -15.91 11.48
N GLY A 442 17.43 -16.50 10.62
CA GLY A 442 16.05 -16.11 10.52
C GLY A 442 15.76 -15.06 9.49
N HIS A 443 16.78 -14.53 8.83
CA HIS A 443 16.57 -13.59 7.74
C HIS A 443 16.03 -14.31 6.50
N LEU A 444 15.19 -13.59 5.76
CA LEU A 444 14.59 -14.10 4.52
C LEU A 444 15.36 -13.58 3.31
N VAL A 445 15.47 -14.42 2.30
CA VAL A 445 15.86 -14.00 0.95
C VAL A 445 14.68 -14.27 0.02
N VAL A 446 14.15 -13.21 -0.61
CA VAL A 446 13.08 -13.37 -1.59
C VAL A 446 13.67 -13.92 -2.88
N GLU A 447 13.12 -15.04 -3.35
CA GLU A 447 13.67 -15.75 -4.49
C GLU A 447 12.81 -15.64 -5.74
N GLY A 448 11.53 -15.34 -5.60
CA GLY A 448 10.65 -15.30 -6.75
C GLY A 448 9.21 -15.23 -6.27
N ARG A 449 8.30 -15.68 -7.12
CA ARG A 449 6.90 -15.65 -6.78
C ARG A 449 6.21 -16.88 -7.32
N ALA A 450 5.23 -17.36 -6.56
CA ALA A 450 4.31 -18.39 -7.01
C ALA A 450 3.02 -17.83 -7.56
N LYS A 451 2.59 -16.66 -7.08
CA LYS A 451 1.31 -16.08 -7.45
C LYS A 451 1.35 -15.50 -8.87
N ASP A 452 0.18 -15.49 -9.52
CA ASP A 452 0.03 -14.94 -10.87
C ASP A 452 -0.26 -13.44 -10.77
N GLN A 453 0.79 -12.70 -10.40
CA GLN A 453 0.73 -11.27 -10.17
C GLN A 453 2.09 -10.71 -10.53
N ILE A 454 2.13 -9.72 -11.40
CA ILE A 454 3.38 -9.13 -11.84
C ILE A 454 3.75 -7.99 -10.89
N ASN A 455 5.02 -7.96 -10.46
CA ASN A 455 5.54 -6.89 -9.59
C ASN A 455 6.34 -5.92 -10.46
N ARG A 456 5.69 -4.84 -10.90
CA ARG A 456 6.32 -3.91 -11.84
C ARG A 456 6.82 -2.70 -11.06
N GLY A 457 8.07 -2.79 -10.60
CA GLY A 457 8.67 -1.68 -9.87
C GLY A 457 8.01 -1.40 -8.54
N GLY A 458 7.40 -2.40 -7.91
CA GLY A 458 6.63 -2.22 -6.70
C GLY A 458 5.13 -2.20 -6.91
N ASP A 459 4.65 -1.90 -8.13
CA ASP A 459 3.23 -1.88 -8.43
C ASP A 459 2.76 -3.29 -8.77
N LYS A 460 1.67 -3.72 -8.14
CA LYS A 460 1.18 -5.09 -8.27
C LYS A 460 0.08 -5.16 -9.33
N ILE A 461 0.26 -6.07 -10.29
CA ILE A 461 -0.66 -6.25 -11.40
C ILE A 461 -1.22 -7.66 -11.35
N SER A 462 -2.48 -7.80 -10.98
CA SER A 462 -3.12 -9.11 -11.04
C SER A 462 -3.27 -9.53 -12.49
N ALA A 463 -2.63 -10.64 -12.87
CA ALA A 463 -2.70 -11.08 -14.25
C ALA A 463 -4.13 -11.34 -14.69
N GLU A 464 -4.93 -12.02 -13.86
CA GLU A 464 -6.29 -12.38 -14.22
C GLU A 464 -7.17 -11.14 -14.40
N GLU A 465 -7.02 -10.15 -13.54
CA GLU A 465 -7.78 -8.91 -13.72
C GLU A 465 -7.45 -8.24 -15.05
N LEU A 466 -6.16 -8.13 -15.38
CA LEU A 466 -5.78 -7.47 -16.61
C LEU A 466 -6.18 -8.30 -17.83
N GLU A 467 -6.09 -9.63 -17.73
CA GLU A 467 -6.52 -10.49 -18.84
C GLU A 467 -7.99 -10.29 -19.15
N ASN A 468 -8.83 -10.17 -18.14
CA ASN A 468 -10.26 -9.94 -18.34
C ASN A 468 -10.52 -8.61 -19.05
N HIS A 469 -9.79 -7.55 -18.66
CA HIS A 469 -9.94 -6.26 -19.33
C HIS A 469 -9.53 -6.34 -20.80
N ILE A 470 -8.40 -7.00 -21.10
CA ILE A 470 -7.91 -7.09 -22.47
C ILE A 470 -8.88 -7.91 -23.33
N MET A 471 -9.46 -8.95 -22.76
CA MET A 471 -10.37 -9.82 -23.51
C MET A 471 -11.69 -9.14 -23.84
N ALA A 472 -12.00 -8.04 -23.15
CA ALA A 472 -13.14 -7.21 -23.52
C ALA A 472 -12.92 -6.51 -24.84
N HIS A 473 -11.68 -6.37 -25.30
CA HIS A 473 -11.42 -5.79 -26.60
C HIS A 473 -12.00 -6.66 -27.70
N PRO A 474 -12.72 -6.10 -28.68
CA PRO A 474 -13.40 -6.93 -29.69
C PRO A 474 -12.47 -7.63 -30.68
N GLY A 475 -11.19 -7.23 -30.75
CA GLY A 475 -10.23 -7.97 -31.53
C GLY A 475 -9.49 -9.06 -30.77
N VAL A 476 -9.86 -9.31 -29.52
CA VAL A 476 -9.17 -10.27 -28.66
C VAL A 476 -10.16 -11.34 -28.23
N HIS A 477 -9.76 -12.60 -28.38
CA HIS A 477 -10.50 -13.76 -27.91
C HIS A 477 -9.98 -14.27 -26.57
N ASP A 478 -8.67 -14.44 -26.44
CA ASP A 478 -8.04 -14.96 -25.24
C ASP A 478 -6.80 -14.13 -24.94
N ALA A 479 -6.45 -14.03 -23.67
CA ALA A 479 -5.32 -13.24 -23.23
C ALA A 479 -4.61 -13.95 -22.08
N ALA A 480 -3.28 -13.95 -22.12
CA ALA A 480 -2.45 -14.42 -21.03
C ALA A 480 -1.40 -13.37 -20.73
N VAL A 481 -1.37 -12.88 -19.49
CA VAL A 481 -0.45 -11.83 -19.07
C VAL A 481 0.73 -12.46 -18.34
N VAL A 482 1.94 -12.21 -18.85
CA VAL A 482 3.16 -12.85 -18.39
C VAL A 482 4.16 -11.76 -17.99
N GLY A 483 4.83 -11.95 -16.86
CA GLY A 483 5.89 -11.04 -16.47
C GLY A 483 7.18 -11.33 -17.22
N MET A 484 7.95 -10.27 -17.47
CA MET A 484 9.27 -10.42 -18.07
C MET A 484 10.27 -9.67 -17.23
N PRO A 485 11.44 -10.27 -16.97
CA PRO A 485 12.46 -9.57 -16.17
C PRO A 485 12.84 -8.22 -16.77
N ASP A 486 13.11 -7.26 -15.89
CA ASP A 486 13.60 -5.94 -16.28
C ASP A 486 14.66 -5.52 -15.27
N ALA A 487 15.77 -4.99 -15.79
CA ALA A 487 16.91 -4.68 -14.94
C ALA A 487 16.59 -3.65 -13.87
N THR A 488 15.74 -2.66 -14.20
CA THR A 488 15.45 -1.60 -13.25
C THR A 488 14.05 -1.66 -12.65
N MET A 489 13.10 -2.31 -13.31
CA MET A 489 11.76 -2.43 -12.77
C MET A 489 11.49 -3.81 -12.16
N GLY A 490 12.44 -4.73 -12.26
CA GLY A 490 12.20 -6.09 -11.81
C GLY A 490 11.40 -6.91 -12.80
N GLU A 491 10.16 -6.48 -13.08
CA GLU A 491 9.34 -7.12 -14.10
C GLU A 491 8.60 -6.06 -14.91
N ARG A 492 8.42 -6.36 -16.19
CA ARG A 492 7.50 -5.65 -17.06
C ARG A 492 6.39 -6.60 -17.49
N THR A 493 5.35 -6.05 -18.08
CA THR A 493 4.14 -6.80 -18.40
C THR A 493 4.08 -7.10 -19.89
N CYS A 494 3.89 -8.38 -20.24
CA CYS A 494 3.67 -8.77 -21.63
C CYS A 494 2.28 -9.40 -21.74
N ALA A 495 1.46 -8.86 -22.64
CA ALA A 495 0.13 -9.37 -22.92
C ALA A 495 0.19 -10.23 -24.18
N CYS A 496 0.06 -11.54 -24.00
CA CYS A 496 -0.02 -12.49 -25.10
C CYS A 496 -1.48 -12.68 -25.48
N LEU A 497 -1.80 -12.45 -26.75
CA LEU A 497 -3.18 -12.40 -27.21
C LEU A 497 -3.44 -13.46 -28.27
N VAL A 498 -4.60 -14.10 -28.18
CA VAL A 498 -5.17 -14.88 -29.27
C VAL A 498 -6.18 -13.98 -29.97
N PRO A 499 -5.98 -13.65 -31.24
CA PRO A 499 -6.93 -12.75 -31.93
C PRO A 499 -8.34 -13.31 -31.95
N ARG A 500 -9.30 -12.41 -31.87
CA ARG A 500 -10.69 -12.74 -32.17
C ARG A 500 -10.78 -13.41 -33.55
N ALA A 501 -11.61 -14.45 -33.64
CA ALA A 501 -11.71 -15.23 -34.87
C ALA A 501 -11.98 -14.34 -36.08
N GLY A 502 -11.06 -14.37 -37.04
CA GLY A 502 -11.23 -13.59 -38.27
C GLY A 502 -11.07 -12.10 -38.09
N ARG A 503 -10.46 -11.68 -36.98
CA ARG A 503 -10.21 -10.29 -36.67
C ARG A 503 -8.76 -10.14 -36.23
N SER A 504 -8.23 -8.93 -36.38
CA SER A 504 -6.86 -8.66 -35.95
C SER A 504 -6.85 -8.17 -34.51
N ALA A 505 -5.83 -8.61 -33.76
CA ALA A 505 -5.67 -8.13 -32.40
C ALA A 505 -5.01 -6.75 -32.40
N PRO A 506 -5.26 -5.94 -31.38
CA PRO A 506 -4.68 -4.58 -31.36
C PRO A 506 -3.18 -4.59 -31.08
N ALA A 507 -2.51 -3.55 -31.56
CA ALA A 507 -1.12 -3.28 -31.22
C ALA A 507 -1.04 -2.66 -29.82
N GLN A 508 0.19 -2.46 -29.32
CA GLN A 508 0.35 -2.04 -27.92
C GLN A 508 -0.33 -0.70 -27.64
N ARG A 509 -0.17 0.27 -28.54
CA ARG A 509 -0.70 1.61 -28.27
C ARG A 509 -2.24 1.63 -28.35
N GLU A 510 -2.83 0.89 -29.29
CA GLU A 510 -4.31 0.85 -29.33
C GLU A 510 -4.87 0.15 -28.10
N LEU A 511 -4.22 -0.92 -27.65
CA LEU A 511 -4.69 -1.61 -26.46
C LEU A 511 -4.56 -0.73 -25.23
N ALA A 512 -3.46 0.03 -25.12
CA ALA A 512 -3.30 0.96 -24.01
C ALA A 512 -4.43 1.99 -24.00
N ALA A 513 -4.83 2.48 -25.17
CA ALA A 513 -5.89 3.49 -25.22
C ALA A 513 -7.23 2.90 -24.82
N PHE A 514 -7.50 1.67 -25.26
CA PHE A 514 -8.73 0.96 -24.88
C PHE A 514 -8.78 0.75 -23.37
N LEU A 515 -7.70 0.23 -22.79
CA LEU A 515 -7.67 -0.02 -21.35
C LEU A 515 -7.82 1.27 -20.56
N THR A 516 -7.16 2.34 -20.99
CA THR A 516 -7.26 3.62 -20.30
C THR A 516 -8.70 4.14 -20.31
N ASP A 517 -9.37 4.05 -21.47
CA ASP A 517 -10.76 4.49 -21.58
C ASP A 517 -11.71 3.60 -20.75
N ARG A 518 -11.38 2.31 -20.64
CA ARG A 518 -12.10 1.40 -19.76
C ARG A 518 -11.90 1.71 -18.28
N GLY A 519 -10.89 2.50 -17.93
CA GLY A 519 -10.68 2.89 -16.55
C GLY A 519 -9.69 2.03 -15.79
N VAL A 520 -8.66 1.56 -16.48
CA VAL A 520 -7.61 0.74 -15.89
C VAL A 520 -6.45 1.66 -15.51
N ALA A 521 -5.91 1.48 -14.30
CA ALA A 521 -4.79 2.30 -13.83
C ALA A 521 -3.58 2.13 -14.75
N ALA A 522 -2.82 3.22 -14.92
CA ALA A 522 -1.83 3.25 -16.00
C ALA A 522 -0.65 2.29 -15.74
N TYR A 523 -0.36 1.97 -14.47
CA TYR A 523 0.73 1.03 -14.24
C TYR A 523 0.36 -0.40 -14.63
N LYS A 524 -0.91 -0.64 -14.96
CA LYS A 524 -1.33 -1.96 -15.41
C LYS A 524 -1.33 -2.11 -16.94
N LEU A 525 -1.00 -1.05 -17.69
CA LEU A 525 -0.98 -1.15 -19.15
C LEU A 525 0.20 -2.03 -19.59
N PRO A 526 -0.02 -2.98 -20.51
CA PRO A 526 1.06 -3.88 -20.92
C PRO A 526 2.20 -3.12 -21.60
N ASP A 527 3.43 -3.49 -21.23
CA ASP A 527 4.61 -2.96 -21.86
C ASP A 527 4.81 -3.53 -23.26
N ARG A 528 4.24 -4.69 -23.54
CA ARG A 528 4.53 -5.43 -24.76
C ARG A 528 3.34 -6.30 -25.09
N VAL A 529 3.03 -6.41 -26.38
CA VAL A 529 1.94 -7.25 -26.87
C VAL A 529 2.53 -8.29 -27.80
N GLU A 530 2.17 -9.56 -27.59
CA GLU A 530 2.58 -10.64 -28.46
C GLU A 530 1.35 -11.41 -28.92
N VAL A 531 1.26 -11.66 -30.23
CA VAL A 531 0.09 -12.25 -30.83
C VAL A 531 0.43 -13.68 -31.26
N MET A 532 -0.43 -14.63 -30.90
CA MET A 532 -0.19 -16.04 -31.16
C MET A 532 -1.52 -16.74 -31.39
N ASP A 533 -1.42 -17.94 -32.00
CA ASP A 533 -2.60 -18.70 -32.40
C ASP A 533 -3.25 -19.43 -31.23
N ALA A 534 -2.46 -19.81 -30.23
CA ALA A 534 -2.94 -20.53 -29.06
C ALA A 534 -1.88 -20.46 -27.98
N PHE A 535 -2.31 -20.67 -26.72
CA PHE A 535 -1.43 -20.65 -25.57
C PHE A 535 -0.95 -22.06 -25.23
N PRO A 536 0.27 -22.18 -24.71
CA PRO A 536 0.70 -23.47 -24.16
C PRO A 536 -0.14 -23.85 -22.95
N ARG A 537 -0.50 -25.14 -22.89
CA ARG A 537 -1.37 -25.67 -21.84
C ARG A 537 -0.66 -26.80 -21.10
N THR A 538 -0.87 -26.86 -19.78
CA THR A 538 -0.25 -27.87 -18.94
C THR A 538 -0.99 -29.21 -18.96
N GLY A 541 -4.75 -28.63 -17.76
CA GLY A 541 -5.08 -27.86 -18.95
C GLY A 541 -5.04 -26.35 -18.81
N LYS A 542 -4.31 -25.86 -17.81
CA LYS A 542 -4.21 -24.42 -17.61
C LYS A 542 -3.17 -23.83 -18.54
N THR A 543 -3.28 -22.52 -18.79
CA THR A 543 -2.28 -21.83 -19.59
C THR A 543 -0.91 -21.91 -18.91
N ASP A 544 0.09 -22.42 -19.64
CA ASP A 544 1.43 -22.58 -19.09
C ASP A 544 2.19 -21.26 -19.26
N LYS A 545 2.08 -20.40 -18.23
CA LYS A 545 2.78 -19.12 -18.27
C LYS A 545 4.27 -19.29 -18.05
N LYS A 546 4.68 -20.39 -17.43
CA LYS A 546 6.11 -20.71 -17.36
C LYS A 546 6.69 -20.87 -18.76
N GLU A 547 5.94 -21.51 -19.65
CA GLU A 547 6.44 -21.72 -21.01
C GLU A 547 6.21 -20.50 -21.90
N LEU A 548 5.08 -19.79 -21.72
CA LEU A 548 4.90 -18.50 -22.39
C LEU A 548 6.06 -17.56 -22.09
N GLY A 549 6.50 -17.52 -20.83
CA GLY A 549 7.56 -16.60 -20.44
C GLY A 549 8.87 -16.87 -21.18
N ARG A 550 9.18 -18.15 -21.41
CA ARG A 550 10.39 -18.47 -22.14
C ARG A 550 10.17 -18.44 -23.66
N ARG A 551 8.93 -18.63 -24.10
CA ARG A 551 8.50 -18.41 -25.48
C ARG A 551 8.42 -16.91 -25.85
N ILE A 552 8.85 -16.07 -24.91
CA ILE A 552 9.10 -14.67 -25.21
C ILE A 552 10.34 -14.54 -26.08
N ALA A 553 11.29 -15.46 -25.92
CA ALA A 553 12.66 -15.30 -26.44
C ALA A 553 13.07 -16.38 -27.44
#